data_5CQQ
#
_entry.id   5CQQ
#
_cell.length_a   51.007
_cell.length_b   59.705
_cell.length_c   202.160
_cell.angle_alpha   90.000
_cell.angle_beta   90.000
_cell.angle_gamma   90.000
#
_symmetry.space_group_name_H-M   'P 21 21 21'
#
loop_
_entity.id
_entity.type
_entity.pdbx_description
1 polymer 'Regulatory protein zeste'
2 polymer "DNA (5'-D(*CP*TP*GP*TP*TP*TP*TP*CP*CP*AP*CP*TP*CP*GP*TP*TP*TP*TP*T)-3')"
3 polymer "DNA (5'-D(*AP*AP*AP*AP*AP*CP*GP*AP*GP*TP*GP*GP*AP*AP*AP*AP*CP*AP*G)-3')"
4 water water
#
loop_
_entity_poly.entity_id
_entity_poly.type
_entity_poly.pdbx_seq_one_letter_code
_entity_poly.pdbx_strand_id
1 'polypeptide(L)'
;GSPLTPRFTAEEKEVLYTLFHLHEEVIDIKHRKKQRNKYSVRETWDKIVKDFNSHPHVSAMRNIKQIQKFWLNSRLRKQY
PY
;
A,B
2 'polydeoxyribonucleotide' (DC)(DT)(DG)(DT)(DT)(DT)(DT)(DC)(DC)(DA)(DC)(DT)(DC)(DG)(DT)(DT)(DT)(DT)(DT) C,E
3 'polydeoxyribonucleotide' (DA)(DA)(DA)(DA)(DA)(DC)(DG)(DA)(DG)(DT)(DG)(DG)(DA)(DA)(DA)(DA)(DC)(DA)(DG) D,F
#
# COMPACT_ATOMS: atom_id res chain seq x y z
N LEU A 4 -15.37 18.14 36.95
CA LEU A 4 -14.06 18.43 37.52
C LEU A 4 -13.01 18.65 36.42
N THR A 5 -13.02 17.80 35.39
CA THR A 5 -12.00 17.88 34.33
C THR A 5 -12.40 18.91 33.28
N PRO A 6 -11.42 19.68 32.80
CA PRO A 6 -11.72 20.75 31.84
C PRO A 6 -12.08 20.19 30.48
N ARG A 7 -12.13 21.08 29.50
CA ARG A 7 -12.45 20.68 28.14
C ARG A 7 -11.28 21.03 27.27
N PHE A 8 -11.28 20.49 26.06
CA PHE A 8 -10.18 20.73 25.16
C PHE A 8 -10.33 22.09 24.51
N THR A 9 -9.28 22.91 24.63
CA THR A 9 -9.26 24.20 23.98
C THR A 9 -9.19 24.01 22.48
N ALA A 10 -9.40 25.09 21.73
CA ALA A 10 -9.35 25.02 20.27
C ALA A 10 -7.94 24.66 19.82
N GLU A 11 -6.97 25.37 20.37
CA GLU A 11 -5.57 25.15 20.05
C GLU A 11 -5.20 23.68 20.29
N GLU A 12 -5.58 23.18 21.47
CA GLU A 12 -5.35 21.78 21.82
C GLU A 12 -5.97 20.83 20.81
N LYS A 13 -7.19 21.14 20.38
CA LYS A 13 -7.86 20.29 19.40
C LYS A 13 -7.05 20.28 18.12
N GLU A 14 -6.50 21.43 17.74
CA GLU A 14 -5.68 21.48 16.53
C GLU A 14 -4.41 20.65 16.68
N VAL A 15 -3.82 20.70 17.88
CA VAL A 15 -2.63 19.92 18.18
C VAL A 15 -2.91 18.43 18.04
N LEU A 16 -3.95 17.97 18.73
CA LEU A 16 -4.30 16.55 18.70
C LEU A 16 -4.65 16.10 17.30
N TYR A 17 -5.37 16.95 16.56
CA TYR A 17 -5.73 16.62 15.18
C TYR A 17 -4.46 16.46 14.36
N THR A 18 -3.52 17.37 14.54
CA THR A 18 -2.24 17.31 13.83
C THR A 18 -1.51 15.99 14.11
N LEU A 19 -1.34 15.69 15.39
CA LEU A 19 -0.70 14.45 15.81
C LEU A 19 -1.38 13.24 15.18
N PHE A 20 -2.70 13.22 15.25
CA PHE A 20 -3.50 12.14 14.68
C PHE A 20 -3.20 11.97 13.20
N HIS A 21 -3.25 13.07 12.46
CA HIS A 21 -3.04 13.03 11.02
C HIS A 21 -1.64 12.49 10.72
N LEU A 22 -0.70 12.81 11.58
CA LEU A 22 0.67 12.32 11.43
C LEU A 22 0.76 10.80 11.60
N HIS A 23 0.18 10.28 12.68
CA HIS A 23 0.30 8.85 12.98
C HIS A 23 -0.91 8.05 12.51
N GLU A 24 -1.51 8.46 11.41
CA GLU A 24 -2.68 7.79 10.83
C GLU A 24 -2.43 6.30 10.60
N GLU A 25 -1.27 5.98 10.03
CA GLU A 25 -0.99 4.62 9.60
C GLU A 25 -0.87 3.61 10.74
N VAL A 26 -0.87 4.08 11.98
CA VAL A 26 -0.68 3.20 13.14
C VAL A 26 -1.92 3.05 14.01
N ILE A 27 -2.70 4.11 14.16
CA ILE A 27 -3.84 4.12 15.08
C ILE A 27 -5.19 3.90 14.39
N ASP A 28 -5.22 4.04 13.07
CA ASP A 28 -6.45 3.93 12.32
C ASP A 28 -6.53 2.57 11.62
N ILE A 29 -7.56 1.80 11.98
CA ILE A 29 -7.81 0.51 11.33
C ILE A 29 -7.81 0.65 9.81
N LYS A 30 -8.49 1.69 9.32
CA LYS A 30 -8.65 1.92 7.88
C LYS A 30 -7.33 2.17 7.16
N HIS A 31 -6.22 2.25 7.88
CA HIS A 31 -4.93 2.48 7.22
C HIS A 31 -3.96 1.33 7.52
N ARG A 32 -4.26 0.57 8.56
CA ARG A 32 -3.42 -0.55 8.97
C ARG A 32 -3.57 -1.71 7.98
N LYS A 33 -4.61 -1.65 7.17
CA LYS A 33 -4.89 -2.73 6.22
C LYS A 33 -4.77 -2.27 4.77
N TYR A 39 4.44 -3.50 14.83
CA TYR A 39 4.65 -2.27 15.59
C TYR A 39 3.73 -2.16 16.82
N SER A 40 4.12 -1.28 17.74
CA SER A 40 3.37 -1.11 18.99
C SER A 40 2.35 0.02 18.90
N VAL A 41 1.07 -0.34 18.93
CA VAL A 41 0.01 0.66 18.93
C VAL A 41 0.12 1.44 20.23
N ARG A 42 0.11 0.71 21.34
CA ARG A 42 0.14 1.31 22.68
C ARG A 42 1.27 2.32 22.82
N GLU A 43 2.44 2.00 22.28
CA GLU A 43 3.58 2.91 22.34
C GLU A 43 3.39 4.14 21.47
N THR A 44 2.68 3.96 20.36
CA THR A 44 2.41 5.10 19.49
C THR A 44 1.48 6.08 20.19
N TRP A 45 0.42 5.53 20.77
CA TRP A 45 -0.51 6.32 21.55
C TRP A 45 0.21 7.02 22.69
N ASP A 46 1.10 6.28 23.36
CA ASP A 46 1.86 6.86 24.47
C ASP A 46 2.73 8.00 23.96
N LYS A 47 3.26 7.84 22.75
CA LYS A 47 4.05 8.90 22.13
C LYS A 47 3.21 10.16 21.94
N ILE A 48 1.99 9.96 21.42
CA ILE A 48 1.06 11.07 21.20
C ILE A 48 0.70 11.77 22.51
N VAL A 49 0.32 10.98 23.51
CA VAL A 49 -0.01 11.50 24.84
C VAL A 49 1.13 12.33 25.40
N LYS A 50 2.35 11.80 25.28
CA LYS A 50 3.54 12.48 25.76
C LYS A 50 3.74 13.83 25.08
N ASP A 51 3.71 13.81 23.74
CA ASP A 51 3.90 15.02 22.96
C ASP A 51 2.86 16.05 23.36
N PHE A 52 1.62 15.61 23.57
CA PHE A 52 0.55 16.53 23.94
C PHE A 52 0.77 17.12 25.33
N ASN A 53 1.03 16.28 26.33
CA ASN A 53 1.21 16.76 27.69
C ASN A 53 2.47 17.62 27.83
N SER A 54 3.40 17.49 26.89
CA SER A 54 4.62 18.28 26.92
C SER A 54 4.42 19.63 26.23
N HIS A 55 3.40 19.70 25.36
CA HIS A 55 3.09 20.93 24.64
C HIS A 55 2.81 22.08 25.60
N PRO A 56 3.46 23.23 25.38
CA PRO A 56 3.41 24.42 26.25
C PRO A 56 2.00 24.92 26.57
N HIS A 57 1.25 25.35 25.54
CA HIS A 57 -0.07 25.94 25.76
C HIS A 57 -1.14 24.87 26.00
N VAL A 58 -0.86 23.97 26.94
CA VAL A 58 -1.80 22.93 27.32
C VAL A 58 -2.56 23.34 28.58
N SER A 59 -3.86 23.14 28.56
CA SER A 59 -4.71 23.44 29.71
C SER A 59 -4.43 22.43 30.83
N ALA A 60 -4.76 21.17 30.59
CA ALA A 60 -4.66 20.14 31.63
C ALA A 60 -4.01 18.86 31.12
N MET A 61 -3.40 18.11 32.04
CA MET A 61 -2.75 16.86 31.66
C MET A 61 -3.78 15.79 31.41
N ARG A 62 -3.60 15.02 30.34
CA ARG A 62 -4.53 13.95 30.00
C ARG A 62 -3.82 12.61 29.97
N ASN A 63 -4.58 11.55 30.23
CA ASN A 63 -4.03 10.21 30.10
C ASN A 63 -4.40 9.62 28.74
N ILE A 64 -3.87 8.43 28.45
CA ILE A 64 -4.07 7.82 27.15
C ILE A 64 -5.55 7.56 26.85
N LYS A 65 -6.32 7.31 27.89
CA LYS A 65 -7.72 6.97 27.69
C LYS A 65 -8.46 8.20 27.20
N GLN A 66 -8.19 9.35 27.81
CA GLN A 66 -8.86 10.59 27.44
C GLN A 66 -8.53 10.96 26.00
N ILE A 67 -7.26 10.89 25.64
CA ILE A 67 -6.84 11.17 24.28
C ILE A 67 -7.56 10.27 23.30
N GLN A 68 -7.50 8.96 23.55
CA GLN A 68 -8.17 8.00 22.68
C GLN A 68 -9.65 8.31 22.56
N LYS A 69 -10.27 8.72 23.66
CA LYS A 69 -11.69 9.02 23.65
C LYS A 69 -11.95 10.22 22.77
N PHE A 70 -11.01 11.17 22.76
CA PHE A 70 -11.17 12.35 21.94
C PHE A 70 -11.05 11.94 20.48
N TRP A 71 -10.16 11.00 20.20
CA TRP A 71 -10.02 10.44 18.85
C TRP A 71 -11.34 9.82 18.38
N LEU A 72 -11.83 8.86 19.17
CA LEU A 72 -13.08 8.16 18.90
C LEU A 72 -14.26 9.12 18.68
N ASN A 73 -14.45 10.04 19.63
CA ASN A 73 -15.55 11.01 19.54
C ASN A 73 -15.43 11.95 18.34
N SER A 74 -14.24 12.54 18.16
CA SER A 74 -14.03 13.46 17.04
C SER A 74 -14.28 12.77 15.71
N ARG A 75 -14.09 11.45 15.67
CA ARG A 75 -14.45 10.70 14.47
C ARG A 75 -15.97 10.47 14.40
N LEU A 76 -16.55 10.07 15.53
CA LEU A 76 -17.98 9.80 15.62
C LEU A 76 -18.80 11.01 15.21
N ARG A 77 -18.57 12.11 15.91
CA ARG A 77 -19.30 13.35 15.70
C ARG A 77 -18.82 14.09 14.45
N LYS A 78 -17.98 13.41 13.68
CA LYS A 78 -17.54 13.86 12.37
C LYS A 78 -16.97 15.27 12.36
N GLN A 79 -15.89 15.49 13.09
CA GLN A 79 -15.21 16.77 13.07
C GLN A 79 -13.72 16.58 12.82
N TYR A 80 -13.31 15.33 12.68
CA TYR A 80 -11.92 15.00 12.36
C TYR A 80 -11.64 15.32 10.90
N PRO A 81 -10.83 16.35 10.65
CA PRO A 81 -10.62 16.90 9.30
C PRO A 81 -9.82 16.01 8.33
N TYR A 82 -9.04 15.09 8.86
CA TYR A 82 -8.14 14.29 8.03
C TYR A 82 -8.67 12.87 7.75
N LEU B 4 4.73 -27.68 -34.26
CA LEU B 4 3.51 -26.89 -34.46
C LEU B 4 3.66 -25.50 -33.84
N THR B 5 4.24 -25.41 -32.64
CA THR B 5 4.36 -24.12 -31.95
C THR B 5 5.63 -23.35 -32.37
N PRO B 6 5.47 -22.05 -32.64
CA PRO B 6 6.52 -21.13 -33.11
C PRO B 6 7.53 -20.75 -32.04
N ARG B 7 8.34 -19.73 -32.32
CA ARG B 7 9.31 -19.23 -31.35
C ARG B 7 9.07 -17.76 -31.04
N PHE B 8 9.65 -17.27 -29.94
CA PHE B 8 9.55 -15.86 -29.60
C PHE B 8 10.58 -15.02 -30.34
N THR B 9 10.12 -14.00 -31.05
CA THR B 9 11.02 -13.06 -31.71
C THR B 9 11.74 -12.22 -30.66
N ALA B 10 12.75 -11.45 -31.08
CA ALA B 10 13.48 -10.60 -30.13
C ALA B 10 12.57 -9.51 -29.57
N GLU B 11 11.88 -8.83 -30.48
CA GLU B 11 10.96 -7.76 -30.11
C GLU B 11 9.95 -8.25 -29.10
N GLU B 12 9.36 -9.40 -29.38
CA GLU B 12 8.39 -10.03 -28.49
C GLU B 12 9.02 -10.24 -27.11
N LYS B 13 10.27 -10.69 -27.10
CA LYS B 13 10.99 -10.93 -25.86
C LYS B 13 11.15 -9.65 -25.03
N GLU B 14 11.50 -8.55 -25.69
CA GLU B 14 11.68 -7.29 -24.98
C GLU B 14 10.35 -6.81 -24.42
N VAL B 15 9.28 -7.03 -25.19
CA VAL B 15 7.94 -6.67 -24.74
C VAL B 15 7.60 -7.43 -23.45
N LEU B 16 7.77 -8.75 -23.49
CA LEU B 16 7.47 -9.59 -22.35
C LEU B 16 8.33 -9.24 -21.13
N TYR B 17 9.59 -8.91 -21.36
CA TYR B 17 10.50 -8.53 -20.29
C TYR B 17 10.02 -7.24 -19.62
N THR B 18 9.64 -6.25 -20.43
CA THR B 18 9.13 -4.98 -19.92
C THR B 18 7.85 -5.19 -19.11
N LEU B 19 6.90 -5.92 -19.70
CA LEU B 19 5.64 -6.22 -19.04
C LEU B 19 5.86 -6.90 -17.69
N PHE B 20 6.74 -7.88 -17.68
CA PHE B 20 7.10 -8.57 -16.44
C PHE B 20 7.58 -7.55 -15.43
N HIS B 21 8.49 -6.68 -15.86
CA HIS B 21 9.05 -5.69 -14.96
C HIS B 21 8.01 -4.78 -14.36
N LEU B 22 6.97 -4.46 -15.14
CA LEU B 22 5.91 -3.60 -14.65
C LEU B 22 5.14 -4.26 -13.51
N HIS B 23 4.71 -5.49 -13.74
CA HIS B 23 3.87 -6.16 -12.75
C HIS B 23 4.72 -7.08 -11.88
N GLU B 24 5.97 -6.69 -11.69
CA GLU B 24 6.95 -7.45 -10.90
C GLU B 24 6.42 -7.74 -9.50
N GLU B 25 5.89 -6.69 -8.86
CA GLU B 25 5.47 -6.77 -7.47
C GLU B 25 4.25 -7.65 -7.27
N VAL B 26 3.66 -8.11 -8.36
CA VAL B 26 2.43 -8.88 -8.29
C VAL B 26 2.65 -10.36 -8.66
N ILE B 27 3.55 -10.62 -9.61
CA ILE B 27 3.77 -11.99 -10.10
C ILE B 27 4.98 -12.69 -9.49
N ASP B 28 5.86 -11.92 -8.85
CA ASP B 28 7.08 -12.48 -8.28
C ASP B 28 6.95 -12.62 -6.77
N ILE B 29 6.96 -13.85 -6.27
CA ILE B 29 6.86 -14.13 -4.83
C ILE B 29 7.86 -13.32 -4.02
N LYS B 30 9.09 -13.29 -4.51
CA LYS B 30 10.20 -12.64 -3.81
C LYS B 30 10.02 -11.12 -3.63
N HIS B 31 8.93 -10.58 -4.17
CA HIS B 31 8.66 -9.14 -4.06
C HIS B 31 7.33 -8.88 -3.36
N ARG B 32 6.49 -9.91 -3.28
CA ARG B 32 5.17 -9.81 -2.66
C ARG B 32 5.25 -9.70 -1.13
N ASN B 37 -4.52 -4.77 -3.37
CA ASN B 37 -4.17 -4.60 -4.78
C ASN B 37 -5.40 -4.62 -5.69
N LYS B 38 -5.38 -3.72 -6.68
CA LYS B 38 -6.51 -3.52 -7.60
C LYS B 38 -6.90 -4.80 -8.33
N TYR B 39 -5.93 -5.66 -8.59
CA TYR B 39 -6.21 -6.96 -9.22
C TYR B 39 -5.40 -8.07 -8.56
N SER B 40 -5.81 -9.31 -8.79
CA SER B 40 -5.12 -10.45 -8.20
C SER B 40 -4.04 -10.93 -9.16
N VAL B 41 -3.41 -12.06 -8.83
CA VAL B 41 -2.37 -12.60 -9.69
C VAL B 41 -2.91 -13.05 -11.04
N ARG B 42 -3.89 -13.96 -11.02
CA ARG B 42 -4.47 -14.51 -12.24
C ARG B 42 -4.95 -13.41 -13.18
N GLU B 43 -5.54 -12.39 -12.58
CA GLU B 43 -6.08 -11.27 -13.36
C GLU B 43 -4.93 -10.50 -13.98
N THR B 44 -3.83 -10.39 -13.24
CA THR B 44 -2.66 -9.66 -13.72
C THR B 44 -2.05 -10.39 -14.91
N TRP B 45 -1.88 -11.70 -14.76
CA TRP B 45 -1.39 -12.53 -15.83
C TRP B 45 -2.29 -12.43 -17.07
N ASP B 46 -3.60 -12.44 -16.85
CA ASP B 46 -4.54 -12.31 -17.96
C ASP B 46 -4.39 -10.97 -18.66
N LYS B 47 -4.18 -9.93 -17.86
CA LYS B 47 -3.97 -8.59 -18.39
C LYS B 47 -2.71 -8.57 -19.25
N ILE B 48 -1.65 -9.19 -18.74
CA ILE B 48 -0.39 -9.28 -19.46
C ILE B 48 -0.54 -10.03 -20.79
N VAL B 49 -1.15 -11.21 -20.74
CA VAL B 49 -1.40 -12.01 -21.94
C VAL B 49 -2.18 -11.20 -22.97
N LYS B 50 -3.21 -10.50 -22.51
CA LYS B 50 -4.01 -9.66 -23.38
C LYS B 50 -3.14 -8.60 -24.04
N ASP B 51 -2.35 -7.89 -23.23
CA ASP B 51 -1.48 -6.81 -23.72
C ASP B 51 -0.49 -7.32 -24.77
N PHE B 52 0.07 -8.50 -24.52
CA PHE B 52 1.04 -9.07 -25.44
C PHE B 52 0.36 -9.41 -26.75
N ASN B 53 -0.77 -10.10 -26.66
CA ASN B 53 -1.50 -10.52 -27.84
C ASN B 53 -2.08 -9.34 -28.63
N SER B 54 -2.22 -8.20 -27.97
CA SER B 54 -2.78 -7.01 -28.59
C SER B 54 -1.70 -6.18 -29.29
N HIS B 55 -0.45 -6.41 -28.90
CA HIS B 55 0.68 -5.72 -29.52
C HIS B 55 0.74 -6.01 -31.02
N PRO B 56 0.88 -4.94 -31.82
CA PRO B 56 0.83 -4.99 -33.29
C PRO B 56 1.76 -6.03 -33.92
N HIS B 57 3.06 -5.86 -33.75
CA HIS B 57 4.04 -6.73 -34.40
C HIS B 57 4.23 -8.07 -33.69
N VAL B 58 3.12 -8.74 -33.40
CA VAL B 58 3.16 -10.06 -32.79
C VAL B 58 2.95 -11.16 -33.85
N SER B 59 3.80 -12.18 -33.79
CA SER B 59 3.69 -13.30 -34.71
C SER B 59 2.46 -14.16 -34.42
N ALA B 60 2.44 -14.80 -33.25
CA ALA B 60 1.38 -15.76 -32.94
C ALA B 60 0.76 -15.58 -31.56
N MET B 61 -0.48 -16.03 -31.41
CA MET B 61 -1.20 -15.93 -30.15
C MET B 61 -0.71 -16.95 -29.14
N ARG B 62 -0.54 -16.50 -27.90
CA ARG B 62 -0.10 -17.36 -26.82
C ARG B 62 -1.12 -17.37 -25.70
N ASN B 63 -1.19 -18.48 -24.97
CA ASN B 63 -2.07 -18.57 -23.81
C ASN B 63 -1.31 -18.23 -22.53
N ILE B 64 -2.01 -18.18 -21.42
CA ILE B 64 -1.37 -17.83 -20.15
C ILE B 64 -0.31 -18.88 -19.77
N LYS B 65 -0.52 -20.14 -20.18
CA LYS B 65 0.42 -21.20 -19.82
C LYS B 65 1.75 -20.99 -20.52
N GLN B 66 1.69 -20.64 -21.80
CA GLN B 66 2.89 -20.43 -22.60
C GLN B 66 3.68 -19.22 -22.08
N ILE B 67 2.96 -18.12 -21.84
CA ILE B 67 3.59 -16.91 -21.30
C ILE B 67 4.22 -17.15 -19.93
N GLN B 68 3.44 -17.69 -19.00
CA GLN B 68 3.96 -18.02 -17.68
C GLN B 68 5.18 -18.93 -17.80
N LYS B 69 5.12 -19.86 -18.74
CA LYS B 69 6.22 -20.79 -18.95
C LYS B 69 7.44 -20.02 -19.40
N PHE B 70 7.22 -19.00 -20.22
CA PHE B 70 8.32 -18.20 -20.70
C PHE B 70 8.95 -17.44 -19.55
N TRP B 71 8.10 -16.95 -18.65
CA TRP B 71 8.56 -16.28 -17.44
C TRP B 71 9.47 -17.24 -16.67
N LEU B 72 8.92 -18.41 -16.36
CA LEU B 72 9.64 -19.44 -15.61
C LEU B 72 11.00 -19.75 -16.21
N ASN B 73 11.03 -20.06 -17.50
CA ASN B 73 12.27 -20.40 -18.18
C ASN B 73 13.27 -19.26 -18.13
N SER B 74 12.81 -18.07 -18.48
CA SER B 74 13.68 -16.90 -18.48
C SER B 74 14.29 -16.64 -17.11
N ARG B 75 13.59 -17.04 -16.05
CA ARG B 75 14.17 -16.93 -14.72
C ARG B 75 15.19 -18.05 -14.49
N LEU B 76 14.80 -19.27 -14.85
CA LEU B 76 15.67 -20.44 -14.67
C LEU B 76 16.99 -20.26 -15.41
N ARG B 77 16.88 -20.04 -16.71
CA ARG B 77 18.04 -19.88 -17.57
C ARG B 77 18.68 -18.51 -17.43
N LYS B 78 18.24 -17.75 -16.43
CA LYS B 78 18.87 -16.48 -16.09
C LYS B 78 19.01 -15.61 -17.34
N GLN B 79 17.87 -15.22 -17.88
CA GLN B 79 17.82 -14.39 -19.09
C GLN B 79 16.97 -13.15 -18.86
N TYR B 80 16.36 -13.06 -17.69
CA TYR B 80 15.55 -11.92 -17.32
C TYR B 80 16.48 -10.76 -16.99
N PRO B 81 16.49 -9.73 -17.83
CA PRO B 81 17.46 -8.65 -17.72
C PRO B 81 17.27 -7.71 -16.52
N TYR B 82 16.06 -7.61 -15.97
CA TYR B 82 15.80 -6.60 -14.94
C TYR B 82 15.74 -7.13 -13.51
#